data_1MFK
#
_entry.id   1MFK
#
_entity_poly.entity_id   1
_entity_poly.type   'polyribonucleotide'
_entity_poly.pdbx_seq_one_letter_code
;GGCGGUUGCAGGUCUGCACCGCC
;
_entity_poly.pdbx_strand_id   A
#
loop_
_chem_comp.id
_chem_comp.type
_chem_comp.name
_chem_comp.formula
A RNA linking ADENOSINE-5'-MONOPHOSPHATE 'C10 H14 N5 O7 P'
C RNA linking CYTIDINE-5'-MONOPHOSPHATE 'C9 H14 N3 O8 P'
G RNA linking GUANOSINE-5'-MONOPHOSPHATE 'C10 H14 N5 O8 P'
U RNA linking URIDINE-5'-MONOPHOSPHATE 'C9 H13 N2 O9 P'
#